data_2W9H
#
_entry.id   2W9H
#
_cell.length_a   84.997
_cell.length_b   37.032
_cell.length_c   48.991
_cell.angle_alpha   90.00
_cell.angle_beta   105.55
_cell.angle_gamma   90.00
#
_symmetry.space_group_name_H-M   'C 1 2 1'
#
loop_
_entity.id
_entity.type
_entity.pdbx_description
1 polymer 'DIHYDROFOLATE REDUCTASE'
2 non-polymer 1,2-ETHANEDIOL
3 non-polymer TRIMETHOPRIM
4 water water
#
_entity_poly.entity_id   1
_entity_poly.type   'polypeptide(L)'
_entity_poly.pdbx_seq_one_letter_code
;MTLSILVAHDLQRVIGFENQLPWHLPNDLKHVKKLSTGHTLVMGRKTFESIGKPLPNRRNVVLTSDTSFNVEGVDVIHSI
EDIYQLPGHVFIFGGQTLFEEMIDKVDDMYITVIEGKFRGDTFFPPYTFEDWEVASSVEGKLDEKNTIPHTFLHLIRKK
;
_entity_poly.pdbx_strand_id   A
#
loop_
_chem_comp.id
_chem_comp.type
_chem_comp.name
_chem_comp.formula
EDO non-polymer 1,2-ETHANEDIOL 'C2 H6 O2'
TOP non-polymer TRIMETHOPRIM 'C14 H18 N4 O3'
#
# COMPACT_ATOMS: atom_id res chain seq x y z
N THR A 2 15.12 1.99 -4.66
CA THR A 2 13.89 1.68 -5.46
C THR A 2 12.69 2.20 -4.69
N LEU A 3 11.75 2.82 -5.40
CA LEU A 3 10.53 3.33 -4.81
C LEU A 3 9.35 2.58 -5.39
N SER A 4 8.57 1.94 -4.53
CA SER A 4 7.48 1.06 -4.97
C SER A 4 6.19 1.46 -4.27
N ILE A 5 5.06 1.33 -4.96
CA ILE A 5 3.77 1.29 -4.28
C ILE A 5 3.47 -0.12 -3.79
N LEU A 6 2.86 -0.20 -2.61
CA LEU A 6 2.37 -1.46 -2.05
C LEU A 6 0.93 -1.20 -1.66
N VAL A 7 -0.02 -1.93 -2.27
CA VAL A 7 -1.44 -1.65 -2.07
C VAL A 7 -2.28 -2.91 -2.27
N ALA A 8 -3.37 -3.01 -1.53
CA ALA A 8 -4.44 -3.98 -1.83
C ALA A 8 -5.68 -3.19 -2.19
N HIS A 9 -6.23 -3.44 -3.38
CA HIS A 9 -7.47 -2.76 -3.79
C HIS A 9 -8.42 -3.74 -4.46
N ASP A 10 -9.72 -3.44 -4.42
CA ASP A 10 -10.69 -4.34 -5.02
C ASP A 10 -10.99 -4.01 -6.48
N LEU A 11 -12.01 -4.66 -7.04
CA LEU A 11 -12.28 -4.48 -8.46
C LEU A 11 -12.71 -3.07 -8.83
N GLN A 12 -13.16 -2.29 -7.85
N GLN A 12 -13.13 -2.29 -7.85
CA GLN A 12 -13.50 -0.88 -8.10
CA GLN A 12 -13.52 -0.89 -8.06
C GLN A 12 -12.51 0.03 -7.37
C GLN A 12 -12.48 0.06 -7.50
N ARG A 13 -11.31 -0.49 -7.14
CA ARG A 13 -10.21 0.27 -6.56
C ARG A 13 -10.44 0.72 -5.12
N VAL A 14 -11.40 0.09 -4.44
CA VAL A 14 -11.61 0.36 -3.01
C VAL A 14 -10.35 -0.06 -2.23
N ILE A 15 -9.91 0.81 -1.32
CA ILE A 15 -8.80 0.50 -0.43
C ILE A 15 -9.15 0.70 1.04
N GLY A 16 -10.41 0.97 1.32
CA GLY A 16 -10.84 1.08 2.70
C GLY A 16 -12.30 1.42 2.81
N PHE A 17 -12.86 1.13 3.99
CA PHE A 17 -14.19 1.55 4.33
C PHE A 17 -14.19 1.82 5.82
N GLU A 18 -14.63 3.01 6.22
CA GLU A 18 -14.69 3.34 7.64
C GLU A 18 -13.35 3.08 8.33
N ASN A 19 -12.29 3.47 7.63
CA ASN A 19 -10.91 3.43 8.10
C ASN A 19 -10.31 2.05 8.29
N GLN A 20 -10.92 1.05 7.68
CA GLN A 20 -10.44 -0.32 7.76
C GLN A 20 -10.47 -0.97 6.38
N LEU A 21 -9.71 -2.04 6.21
CA LEU A 21 -9.87 -2.89 5.04
C LEU A 21 -11.21 -3.62 5.12
N PRO A 22 -12.04 -3.55 4.05
CA PRO A 22 -13.35 -4.21 4.14
C PRO A 22 -13.29 -5.74 4.05
N TRP A 23 -12.16 -6.27 3.58
CA TRP A 23 -11.92 -7.72 3.53
C TRP A 23 -10.92 -8.10 4.61
N HIS A 24 -10.92 -9.38 4.97
N HIS A 24 -10.91 -9.38 4.97
CA HIS A 24 -9.95 -9.88 5.93
CA HIS A 24 -9.96 -9.90 5.95
C HIS A 24 -9.10 -10.94 5.25
C HIS A 24 -9.07 -10.97 5.32
N LEU A 25 -7.87 -10.57 4.92
CA LEU A 25 -6.97 -11.46 4.17
C LEU A 25 -5.60 -11.52 4.82
N PRO A 26 -5.45 -12.38 5.83
CA PRO A 26 -4.12 -12.58 6.41
C PRO A 26 -3.07 -12.93 5.35
N ASN A 27 -3.48 -13.57 4.25
CA ASN A 27 -2.52 -13.90 3.20
C ASN A 27 -1.94 -12.63 2.56
N ASP A 28 -2.75 -11.59 2.45
CA ASP A 28 -2.24 -10.32 1.96
C ASP A 28 -1.30 -9.69 2.97
N LEU A 29 -1.65 -9.77 4.25
CA LEU A 29 -0.76 -9.23 5.27
C LEU A 29 0.59 -9.96 5.29
N LYS A 30 0.58 -11.27 5.02
CA LYS A 30 1.81 -12.06 4.91
C LYS A 30 2.64 -11.64 3.69
N HIS A 31 1.96 -11.33 2.60
CA HIS A 31 2.59 -10.77 1.40
C HIS A 31 3.31 -9.47 1.75
N VAL A 32 2.61 -8.58 2.44
CA VAL A 32 3.21 -7.34 2.91
C VAL A 32 4.45 -7.59 3.77
N LYS A 33 4.37 -8.55 4.70
CA LYS A 33 5.49 -8.89 5.56
C LYS A 33 6.68 -9.36 4.72
N LYS A 34 6.42 -10.23 3.75
CA LYS A 34 7.50 -10.80 2.93
C LYS A 34 8.20 -9.72 2.13
N LEU A 35 7.42 -8.80 1.55
CA LEU A 35 8.00 -7.78 0.68
C LEU A 35 8.75 -6.72 1.46
N SER A 36 8.23 -6.32 2.62
CA SER A 36 8.69 -5.09 3.27
C SER A 36 9.57 -5.28 4.50
N THR A 37 9.61 -6.49 5.07
CA THR A 37 10.49 -6.75 6.20
C THR A 37 11.93 -6.40 5.82
N GLY A 38 12.60 -5.67 6.70
CA GLY A 38 13.97 -5.20 6.46
C GLY A 38 14.09 -3.98 5.57
N HIS A 39 12.95 -3.46 5.12
CA HIS A 39 12.94 -2.29 4.25
C HIS A 39 12.21 -1.15 4.94
N THR A 40 11.59 -0.25 4.16
CA THR A 40 10.97 0.94 4.72
C THR A 40 9.54 1.06 4.19
N LEU A 41 8.59 1.31 5.09
CA LEU A 41 7.22 1.70 4.72
C LEU A 41 7.03 3.18 4.97
N VAL A 42 6.49 3.89 3.97
CA VAL A 42 6.06 5.27 4.16
C VAL A 42 4.55 5.32 4.05
N MET A 43 3.90 5.93 5.05
CA MET A 43 2.45 5.95 5.08
C MET A 43 1.94 7.27 5.61
N GLY A 44 0.73 7.65 5.20
CA GLY A 44 0.03 8.77 5.79
C GLY A 44 -0.38 8.51 7.23
N ARG A 45 -0.70 9.58 7.94
CA ARG A 45 -1.10 9.49 9.34
C ARG A 45 -2.36 8.63 9.55
N LYS A 46 -3.33 8.75 8.65
CA LYS A 46 -4.56 7.97 8.81
C LYS A 46 -4.31 6.47 8.72
N THR A 47 -3.47 6.07 7.77
CA THR A 47 -3.10 4.68 7.64
C THR A 47 -2.34 4.22 8.88
N PHE A 48 -1.42 5.05 9.37
CA PHE A 48 -0.72 4.70 10.60
C PHE A 48 -1.70 4.48 11.75
N GLU A 49 -2.67 5.40 11.92
CA GLU A 49 -3.61 5.27 13.02
C GLU A 49 -4.49 4.03 12.86
N SER A 50 -4.68 3.58 11.62
N SER A 50 -4.83 3.70 11.61
CA SER A 50 -5.37 2.30 11.36
CA SER A 50 -5.76 2.60 11.33
C SER A 50 -4.57 1.06 11.81
C SER A 50 -5.09 1.31 11.75
N ILE A 51 -3.28 1.03 11.51
N ILE A 51 -3.77 1.28 11.63
CA ILE A 51 -2.45 -0.11 11.96
CA ILE A 51 -2.98 0.11 11.96
C ILE A 51 -2.10 -0.01 13.45
C ILE A 51 -2.64 0.06 13.46
N GLY A 52 -2.21 1.20 13.99
CA GLY A 52 -2.09 1.38 15.44
C GLY A 52 -0.66 1.43 15.93
N LYS A 53 0.16 0.47 15.52
CA LYS A 53 1.57 0.43 15.92
C LYS A 53 2.45 0.13 14.70
N PRO A 54 3.72 0.52 14.75
CA PRO A 54 4.58 0.21 13.61
C PRO A 54 4.64 -1.29 13.37
N LEU A 55 4.76 -1.66 12.09
CA LEU A 55 4.96 -3.06 11.74
C LEU A 55 6.38 -3.45 12.10
N PRO A 56 6.54 -4.60 12.75
CA PRO A 56 7.87 -4.95 13.26
C PRO A 56 8.91 -5.25 12.17
N ASN A 57 10.18 -5.09 12.52
CA ASN A 57 11.28 -5.54 11.68
C ASN A 57 11.45 -4.76 10.38
N ARG A 58 10.93 -3.53 10.37
CA ARG A 58 11.17 -2.63 9.24
C ARG A 58 11.05 -1.19 9.70
N ARG A 59 11.55 -0.27 8.88
CA ARG A 59 11.44 1.14 9.22
C ARG A 59 10.03 1.63 8.87
N ASN A 60 9.37 2.26 9.84
CA ASN A 60 8.07 2.84 9.64
C ASN A 60 8.17 4.35 9.63
N VAL A 61 7.75 4.96 8.53
CA VAL A 61 7.83 6.40 8.33
C VAL A 61 6.42 6.93 8.09
N VAL A 62 6.02 7.93 8.90
CA VAL A 62 4.73 8.58 8.76
C VAL A 62 4.88 9.96 8.18
N LEU A 63 4.12 10.23 7.12
CA LEU A 63 4.09 11.54 6.47
C LEU A 63 2.85 12.30 6.91
N THR A 64 3.06 13.45 7.54
CA THR A 64 1.95 14.27 8.04
C THR A 64 2.38 15.73 8.07
N SER A 65 1.42 16.62 7.87
CA SER A 65 1.69 18.04 7.96
C SER A 65 1.78 18.55 9.41
N ASP A 66 1.30 17.75 10.35
CA ASP A 66 1.29 18.13 11.77
C ASP A 66 2.69 18.01 12.37
N THR A 67 3.32 19.15 12.64
CA THR A 67 4.68 19.15 13.18
C THR A 67 4.72 18.73 14.66
N SER A 68 3.54 18.58 15.25
CA SER A 68 3.42 18.19 16.65
C SER A 68 3.24 16.68 16.82
N PHE A 69 3.35 15.94 15.73
CA PHE A 69 3.09 14.50 15.73
C PHE A 69 4.37 13.71 15.97
N ASN A 70 4.37 12.84 16.98
CA ASN A 70 5.52 11.98 17.25
C ASN A 70 5.11 10.66 17.91
N VAL A 71 5.77 9.58 17.52
CA VAL A 71 5.45 8.25 18.03
C VAL A 71 6.73 7.42 18.16
N GLU A 72 6.95 6.85 19.34
CA GLU A 72 8.12 6.01 19.54
C GLU A 72 8.13 4.87 18.52
N GLY A 73 9.29 4.66 17.89
CA GLY A 73 9.46 3.58 16.91
C GLY A 73 9.03 3.96 15.51
N VAL A 74 8.64 5.23 15.33
CA VAL A 74 8.24 5.73 14.01
C VAL A 74 9.07 6.96 13.67
N ASP A 75 9.54 7.04 12.44
CA ASP A 75 10.13 8.28 11.93
C ASP A 75 9.06 9.12 11.26
N VAL A 76 9.04 10.42 11.55
CA VAL A 76 8.04 11.31 10.99
C VAL A 76 8.66 12.25 9.98
N ILE A 77 8.01 12.38 8.82
CA ILE A 77 8.40 13.40 7.84
C ILE A 77 7.21 14.29 7.51
N HIS A 78 7.49 15.46 6.95
CA HIS A 78 6.45 16.45 6.71
C HIS A 78 6.25 16.84 5.25
N SER A 79 7.14 16.36 4.38
CA SER A 79 7.03 16.64 2.96
C SER A 79 7.26 15.42 2.10
N ILE A 80 6.59 15.39 0.95
CA ILE A 80 6.85 14.38 -0.07
C ILE A 80 8.32 14.32 -0.44
N GLU A 81 8.96 15.48 -0.55
CA GLU A 81 10.38 15.54 -0.90
C GLU A 81 11.27 14.74 0.05
N ASP A 82 10.87 14.65 1.31
CA ASP A 82 11.62 13.88 2.30
C ASP A 82 11.71 12.39 1.91
N ILE A 83 10.72 11.90 1.18
CA ILE A 83 10.71 10.48 0.79
C ILE A 83 11.94 10.10 -0.04
N TYR A 84 12.34 11.01 -0.92
CA TYR A 84 13.38 10.68 -1.89
C TYR A 84 14.75 10.55 -1.24
N GLN A 85 14.87 11.05 -0.02
CA GLN A 85 16.12 10.96 0.74
C GLN A 85 16.24 9.73 1.64
N LEU A 86 15.16 8.95 1.75
CA LEU A 86 15.22 7.73 2.54
C LEU A 86 16.04 6.64 1.84
N PRO A 87 16.98 6.03 2.57
CA PRO A 87 17.84 4.99 2.00
C PRO A 87 17.11 3.66 1.74
N GLY A 88 17.54 2.96 0.69
CA GLY A 88 17.12 1.59 0.47
C GLY A 88 15.83 1.47 -0.33
N HIS A 89 15.17 0.33 -0.18
CA HIS A 89 13.91 0.07 -0.86
C HIS A 89 12.78 0.65 -0.03
N VAL A 90 12.04 1.58 -0.63
CA VAL A 90 10.99 2.29 0.08
C VAL A 90 9.65 1.93 -0.56
N PHE A 91 8.71 1.53 0.28
CA PHE A 91 7.37 1.17 -0.18
C PHE A 91 6.38 2.23 0.30
N ILE A 92 5.66 2.82 -0.65
CA ILE A 92 4.57 3.72 -0.35
C ILE A 92 3.35 2.88 0.02
N PHE A 93 2.89 3.04 1.25
CA PHE A 93 1.96 2.10 1.90
C PHE A 93 0.53 2.65 1.99
N GLY A 94 0.34 3.90 1.58
CA GLY A 94 -0.99 4.51 1.57
C GLY A 94 -1.06 5.63 2.57
N GLY A 95 -2.20 6.31 2.67
CA GLY A 95 -3.45 5.91 2.03
C GLY A 95 -3.71 6.62 0.72
N GLN A 96 -4.99 6.88 0.45
CA GLN A 96 -5.41 7.44 -0.83
C GLN A 96 -4.60 8.66 -1.29
N THR A 97 -4.47 9.68 -0.44
N THR A 97 -4.50 9.65 -0.40
CA THR A 97 -3.81 10.90 -0.93
CA THR A 97 -3.79 10.90 -0.74
C THR A 97 -2.31 10.67 -1.20
C THR A 97 -2.38 10.59 -1.22
N LEU A 98 -1.66 9.82 -0.42
CA LEU A 98 -0.25 9.53 -0.70
C LEU A 98 -0.12 8.72 -1.99
N PHE A 99 -1.02 7.76 -2.21
CA PHE A 99 -1.04 7.04 -3.49
C PHE A 99 -1.25 8.00 -4.66
N GLU A 100 -2.18 8.93 -4.52
CA GLU A 100 -2.45 9.90 -5.59
C GLU A 100 -1.23 10.74 -5.90
N GLU A 101 -0.47 11.10 -4.86
CA GLU A 101 0.73 11.93 -5.00
C GLU A 101 1.91 11.17 -5.59
N MET A 102 1.92 9.85 -5.39
CA MET A 102 3.11 9.06 -5.71
C MET A 102 3.01 8.17 -6.94
N ILE A 103 1.79 7.91 -7.41
CA ILE A 103 1.65 6.94 -8.49
C ILE A 103 2.43 7.29 -9.75
N ASP A 104 2.55 8.59 -10.04
N ASP A 104 2.56 8.58 -10.04
CA ASP A 104 3.31 9.04 -11.22
CA ASP A 104 3.31 9.01 -11.22
C ASP A 104 4.83 9.03 -10.98
C ASP A 104 4.79 9.24 -10.91
N LYS A 105 5.22 8.80 -9.74
CA LYS A 105 6.61 8.97 -9.31
C LYS A 105 7.34 7.66 -9.02
N VAL A 106 6.59 6.61 -8.69
CA VAL A 106 7.24 5.39 -8.23
C VAL A 106 7.78 4.60 -9.42
N ASP A 107 8.72 3.71 -9.13
CA ASP A 107 9.29 2.83 -10.14
C ASP A 107 8.35 1.69 -10.51
N ASP A 108 7.68 1.13 -9.51
CA ASP A 108 6.87 -0.06 -9.73
C ASP A 108 5.78 -0.18 -8.67
N MET A 109 4.90 -1.17 -8.83
CA MET A 109 3.77 -1.34 -7.91
C MET A 109 3.59 -2.82 -7.61
N TYR A 110 3.43 -3.11 -6.33
CA TYR A 110 3.04 -4.43 -5.89
C TYR A 110 1.59 -4.33 -5.44
N ILE A 111 0.70 -4.88 -6.26
CA ILE A 111 -0.73 -4.73 -6.03
C ILE A 111 -1.33 -6.08 -5.70
N THR A 112 -2.09 -6.13 -4.62
CA THR A 112 -2.98 -7.26 -4.39
C THR A 112 -4.35 -6.84 -4.89
N VAL A 113 -4.80 -7.45 -5.99
CA VAL A 113 -6.15 -7.21 -6.48
C VAL A 113 -7.09 -8.13 -5.73
N ILE A 114 -7.98 -7.54 -4.95
CA ILE A 114 -9.03 -8.28 -4.30
C ILE A 114 -10.13 -8.45 -5.33
N GLU A 115 -10.37 -9.70 -5.72
CA GLU A 115 -11.24 -9.99 -6.85
C GLU A 115 -12.69 -10.03 -6.41
N GLY A 116 -13.15 -8.89 -5.89
CA GLY A 116 -14.52 -8.74 -5.45
C GLY A 116 -14.87 -7.27 -5.44
N LYS A 117 -16.13 -6.97 -5.11
CA LYS A 117 -16.59 -5.59 -5.03
C LYS A 117 -17.17 -5.35 -3.64
N PHE A 118 -16.43 -4.62 -2.81
CA PHE A 118 -16.78 -4.36 -1.43
C PHE A 118 -17.31 -2.94 -1.25
N ARG A 119 -17.96 -2.69 -0.12
CA ARG A 119 -18.20 -1.33 0.35
C ARG A 119 -16.89 -0.57 0.45
N GLY A 120 -16.88 0.69 0.01
CA GLY A 120 -15.66 1.48 0.08
C GLY A 120 -15.94 2.97 0.18
N ASP A 121 -15.01 3.69 0.81
CA ASP A 121 -15.10 5.15 0.89
C ASP A 121 -13.75 5.80 0.70
N THR A 122 -12.79 5.02 0.20
CA THR A 122 -11.49 5.54 -0.16
C THR A 122 -10.92 4.63 -1.26
N PHE A 123 -10.19 5.23 -2.19
CA PHE A 123 -9.95 4.61 -3.50
C PHE A 123 -8.51 4.82 -3.96
N PHE A 124 -7.95 3.77 -4.57
CA PHE A 124 -6.67 3.87 -5.26
C PHE A 124 -6.91 4.61 -6.58
N PRO A 125 -5.94 5.44 -7.03
CA PRO A 125 -6.15 6.15 -8.30
C PRO A 125 -6.25 5.20 -9.49
N PRO A 126 -7.02 5.60 -10.52
CA PRO A 126 -7.11 4.78 -11.71
C PRO A 126 -5.76 4.70 -12.41
N TYR A 127 -5.50 3.56 -13.02
CA TYR A 127 -4.27 3.36 -13.78
C TYR A 127 -4.58 2.47 -14.96
N THR A 128 -3.75 2.55 -15.99
N THR A 128 -3.78 2.59 -16.01
CA THR A 128 -4.03 1.80 -17.21
CA THR A 128 -4.00 1.81 -17.22
C THR A 128 -2.84 0.92 -17.58
C THR A 128 -2.84 0.86 -17.47
N PHE A 129 -3.14 -0.24 -18.17
CA PHE A 129 -2.08 -1.13 -18.61
C PHE A 129 -1.42 -0.64 -19.88
N GLU A 130 -1.81 0.54 -20.35
N GLU A 130 -1.81 0.55 -20.32
CA GLU A 130 -0.99 1.28 -21.30
CA GLU A 130 -1.06 1.33 -21.29
C GLU A 130 0.26 1.89 -20.64
C GLU A 130 0.17 2.02 -20.67
N ASP A 131 0.17 2.17 -19.34
CA ASP A 131 1.30 2.77 -18.62
C ASP A 131 2.10 1.74 -17.82
N TRP A 132 1.49 0.58 -17.60
CA TRP A 132 2.03 -0.43 -16.69
C TRP A 132 2.06 -1.80 -17.36
N GLU A 133 3.18 -2.50 -17.18
CA GLU A 133 3.35 -3.86 -17.68
C GLU A 133 3.27 -4.84 -16.51
N VAL A 134 2.53 -5.93 -16.69
CA VAL A 134 2.48 -7.00 -15.70
C VAL A 134 3.75 -7.84 -15.76
N ALA A 135 4.58 -7.74 -14.73
CA ALA A 135 5.79 -8.56 -14.62
C ALA A 135 5.52 -9.92 -14.00
N SER A 136 4.57 -9.97 -13.08
N SER A 136 4.55 -9.96 -13.09
CA SER A 136 4.16 -11.25 -12.52
CA SER A 136 4.18 -11.18 -12.40
C SER A 136 2.75 -11.16 -11.99
C SER A 136 2.70 -11.11 -12.05
N SER A 137 2.02 -12.25 -12.15
CA SER A 137 0.65 -12.36 -11.68
C SER A 137 0.49 -13.75 -11.07
N VAL A 138 0.09 -13.80 -9.81
CA VAL A 138 -0.01 -15.07 -9.06
C VAL A 138 -1.33 -15.09 -8.30
N GLU A 139 -2.14 -16.14 -8.48
CA GLU A 139 -3.39 -16.22 -7.75
C GLU A 139 -3.13 -16.58 -6.29
N GLY A 140 -3.77 -15.85 -5.39
CA GLY A 140 -3.66 -16.15 -3.96
C GLY A 140 -4.38 -17.43 -3.58
N LYS A 141 -3.81 -18.13 -2.60
CA LYS A 141 -4.42 -19.35 -2.07
C LYS A 141 -5.53 -19.01 -1.07
N LEU A 142 -6.59 -19.80 -1.11
CA LEU A 142 -7.73 -19.59 -0.25
C LEU A 142 -7.79 -20.67 0.82
N ASP A 143 -8.29 -20.29 2.00
CA ASP A 143 -8.52 -21.24 3.07
C ASP A 143 -9.59 -20.64 3.97
N GLU A 144 -9.83 -21.23 5.14
CA GLU A 144 -10.97 -20.75 5.93
C GLU A 144 -10.82 -19.30 6.40
N LYS A 145 -9.58 -18.85 6.54
CA LYS A 145 -9.28 -17.50 7.00
C LYS A 145 -9.04 -16.52 5.84
N ASN A 146 -8.99 -17.04 4.62
CA ASN A 146 -8.77 -16.24 3.42
C ASN A 146 -9.77 -16.67 2.36
N THR A 147 -10.93 -16.03 2.33
CA THR A 147 -12.05 -16.56 1.56
C THR A 147 -12.36 -15.79 0.29
N ILE A 148 -11.77 -14.60 0.12
CA ILE A 148 -12.01 -13.83 -1.09
C ILE A 148 -10.87 -14.06 -2.07
N PRO A 149 -11.20 -14.43 -3.32
CA PRO A 149 -10.18 -14.56 -4.35
C PRO A 149 -9.36 -13.28 -4.47
N HIS A 150 -8.06 -13.44 -4.66
CA HIS A 150 -7.16 -12.28 -4.78
C HIS A 150 -5.97 -12.66 -5.63
N THR A 151 -5.36 -11.67 -6.27
CA THR A 151 -4.28 -11.88 -7.21
C THR A 151 -3.13 -10.95 -6.86
N PHE A 152 -1.93 -11.48 -6.76
CA PHE A 152 -0.76 -10.64 -6.52
C PHE A 152 -0.11 -10.25 -7.83
N LEU A 153 -0.05 -8.95 -8.09
CA LEU A 153 0.58 -8.40 -9.30
C LEU A 153 1.85 -7.63 -8.96
N HIS A 154 2.87 -7.76 -9.81
CA HIS A 154 3.97 -6.82 -9.81
C HIS A 154 3.95 -6.11 -11.13
N LEU A 155 3.77 -4.79 -11.09
CA LEU A 155 3.66 -3.96 -12.28
C LEU A 155 4.87 -3.06 -12.40
N ILE A 156 5.40 -2.96 -13.61
CA ILE A 156 6.51 -2.05 -13.88
C ILE A 156 6.10 -1.11 -15.01
N ARG A 157 6.78 0.03 -15.14
CA ARG A 157 6.38 1.00 -16.17
C ARG A 157 6.57 0.52 -17.60
N LYS A 158 5.59 0.83 -18.44
CA LYS A 158 5.63 0.41 -19.84
C LYS A 158 6.40 1.40 -20.69
N LYS A 159 6.05 2.58 -20.75
C1 EDO B . 8.43 -9.98 -10.16
O1 EDO B . 7.66 -10.30 -8.99
C2 EDO B . 9.64 -9.12 -9.80
O2 EDO B . 10.53 -9.84 -8.94
C1 TOP C . -2.39 -3.62 3.03
N2 TOP C . -2.14 -4.51 2.08
C3 TOP C . -1.38 -4.20 1.07
N4 TOP C . -1.11 -5.13 0.16
N5 TOP C . -0.90 -2.99 0.94
C6 TOP C . -1.15 -2.03 1.77
N7 TOP C . -0.69 -0.81 1.61
C8 TOP C . -1.96 -2.35 2.95
C9 TOP C . -2.21 -1.26 3.98
C9 TOP C . -2.22 -1.27 3.98
C10 TOP C . -2.97 -1.61 5.26
C10 TOP C . -2.97 -1.61 5.26
C11 TOP C . -4.19 -1.00 5.53
C11 TOP C . -4.19 -1.00 5.53
C12 TOP C . -4.90 -1.31 6.73
C12 TOP C . -4.90 -1.31 6.74
O13 TOP C . -6.08 -0.74 7.05
O13 TOP C . -6.08 -0.74 7.05
C14 TOP C . -6.65 0.26 6.33
C15 TOP C . -4.38 -2.23 7.53
C15 TOP C . -4.38 -2.23 7.53
O16 TOP C . -5.00 -2.64 8.66
O16 TOP C . -5.01 -2.64 8.66
C17 TOP C . -5.07 -4.04 8.93
C17 TOP C . -5.36 -1.73 9.71
C18 TOP C . -3.21 -2.83 7.27
C18 TOP C . -3.21 -2.83 7.27
O19 TOP C . -2.73 -3.72 8.10
O19 TOP C . -2.74 -3.71 8.10
C20 TOP C . -1.45 -4.21 8.09
C21 TOP C . -2.48 -2.52 6.11
C21 TOP C . -2.48 -2.52 6.11
#